data_4GHJ
#
_entry.id   4GHJ
#
_cell.length_a   63.742
_cell.length_b   70.740
_cell.length_c   35.746
_cell.angle_alpha   90.00
_cell.angle_beta   90.00
_cell.angle_gamma   90.00
#
_symmetry.space_group_name_H-M   'P 21 21 2'
#
loop_
_entity.id
_entity.type
_entity.pdbx_description
1 polymer 'Probable transcriptional regulator'
2 water water
#
_entity_poly.entity_id   1
_entity_poly.type   'polypeptide(L)'
_entity_poly.pdbx_seq_one_letter_code
;(MSE)HHHHHHSSGVDLGTENLYFQSNA(MSE)KHVTAAALAEEIGDRLKQARLNRDLTQSEVAEIAGIARKTVLNAEKG
KVQLDI(MSE)IAIL(MSE)ALDLTEQIDLFIPKQEI
;
_entity_poly.pdbx_strand_id   A,B
#
# COMPACT_ATOMS: atom_id res chain seq x y z
N LYS A 26 13.87 -1.86 10.99
CA LYS A 26 12.66 -1.88 11.84
C LYS A 26 12.40 -3.33 12.26
N HIS A 27 12.37 -3.61 13.56
CA HIS A 27 12.00 -4.96 14.01
C HIS A 27 10.55 -4.88 14.45
N VAL A 28 9.66 -5.06 13.49
CA VAL A 28 8.23 -4.91 13.72
C VAL A 28 7.45 -5.91 12.85
N THR A 29 6.26 -6.29 13.29
CA THR A 29 5.42 -7.18 12.50
C THR A 29 4.82 -6.40 11.33
N ALA A 30 4.39 -7.10 10.28
CA ALA A 30 3.75 -6.43 9.16
C ALA A 30 2.43 -5.76 9.60
N ALA A 31 1.69 -6.39 10.51
CA ALA A 31 0.41 -5.81 10.95
C ALA A 31 0.63 -4.53 11.78
N ALA A 32 1.70 -4.49 12.56
CA ALA A 32 2.02 -3.30 13.33
C ALA A 32 2.48 -2.17 12.42
N LEU A 33 3.28 -2.50 11.41
CA LEU A 33 3.72 -1.46 10.49
C LEU A 33 2.49 -0.93 9.72
N ALA A 34 1.54 -1.80 9.38
CA ALA A 34 0.31 -1.39 8.68
C ALA A 34 -0.46 -0.39 9.56
N GLU A 35 -0.49 -0.62 10.88
CA GLU A 35 -1.15 0.30 11.81
C GLU A 35 -0.43 1.68 11.83
N GLU A 36 0.90 1.66 11.79
CA GLU A 36 1.72 2.90 11.73
C GLU A 36 1.39 3.69 10.45
N ILE A 37 1.24 2.97 9.33
CA ILE A 37 0.89 3.62 8.05
C ILE A 37 -0.52 4.21 8.16
N GLY A 38 -1.44 3.47 8.79
CA GLY A 38 -2.80 3.98 9.05
C GLY A 38 -2.74 5.33 9.80
N ASP A 39 -1.88 5.41 10.81
CA ASP A 39 -1.72 6.65 11.59
C ASP A 39 -1.20 7.78 10.72
N ARG A 40 -0.35 7.45 9.75
CA ARG A 40 0.20 8.48 8.84
C ARG A 40 -0.94 9.00 7.94
N LEU A 41 -1.81 8.09 7.51
CA LEU A 41 -2.96 8.49 6.70
C LEU A 41 -3.89 9.39 7.52
N LYS A 42 -4.17 9.01 8.76
CA LYS A 42 -4.96 9.85 9.65
C LYS A 42 -4.30 11.24 9.79
N GLN A 43 -2.97 11.29 10.03
CA GLN A 43 -2.30 12.59 10.21
C GLN A 43 -2.37 13.45 8.95
N ALA A 44 -2.14 12.83 7.79
CA ALA A 44 -2.24 13.54 6.50
C ALA A 44 -3.64 14.18 6.35
N ARG A 45 -4.67 13.44 6.73
CA ARG A 45 -6.05 13.92 6.66
C ARG A 45 -6.30 15.13 7.58
N LEU A 46 -5.85 15.00 8.82
CA LEU A 46 -6.01 16.05 9.81
C LEU A 46 -5.29 17.30 9.38
N ASN A 47 -4.11 17.14 8.78
CA ASN A 47 -3.31 18.27 8.30
C ASN A 47 -4.01 19.01 7.16
N ARG A 48 -4.95 18.33 6.50
CA ARG A 48 -5.75 18.91 5.40
C ARG A 48 -7.13 19.40 5.85
N ASP A 49 -7.38 19.32 7.16
CA ASP A 49 -8.62 19.75 7.78
C ASP A 49 -9.83 19.03 7.23
N LEU A 50 -9.66 17.75 6.89
CA LEU A 50 -10.72 16.91 6.35
C LEU A 50 -11.25 15.94 7.39
N THR A 51 -12.53 15.63 7.32
CA THR A 51 -13.13 14.60 8.18
C THR A 51 -13.11 13.26 7.40
N GLN A 52 -13.33 12.14 8.09
CA GLN A 52 -13.38 10.86 7.41
C GLN A 52 -14.56 10.84 6.45
N SER A 53 -15.69 11.46 6.85
N SER A 53 -15.68 11.46 6.84
CA SER A 53 -16.87 11.51 5.97
CA SER A 53 -16.86 11.52 5.97
C SER A 53 -16.55 12.28 4.68
C SER A 53 -16.56 12.29 4.69
N GLU A 54 -15.76 13.35 4.81
CA GLU A 54 -15.38 14.18 3.66
C GLU A 54 -14.45 13.37 2.72
N VAL A 55 -13.45 12.71 3.26
CA VAL A 55 -12.56 11.82 2.45
C VAL A 55 -13.37 10.75 1.73
N ALA A 56 -14.33 10.15 2.43
CA ALA A 56 -15.17 9.11 1.85
C ALA A 56 -16.04 9.66 0.71
N GLU A 57 -16.62 10.83 0.90
CA GLU A 57 -17.45 11.45 -0.13
C GLU A 57 -16.63 11.75 -1.39
N ILE A 58 -15.42 12.28 -1.20
CA ILE A 58 -14.54 12.60 -2.32
C ILE A 58 -14.16 11.37 -3.14
N ALA A 59 -13.76 10.33 -2.43
CA ALA A 59 -13.32 9.09 -3.07
C ALA A 59 -14.52 8.22 -3.53
N GLY A 60 -15.72 8.57 -3.11
CA GLY A 60 -16.90 7.79 -3.45
C GLY A 60 -16.96 6.42 -2.78
N ILE A 61 -16.52 6.35 -1.52
CA ILE A 61 -16.57 5.09 -0.75
C ILE A 61 -17.29 5.30 0.60
N ALA A 62 -17.47 4.22 1.35
CA ALA A 62 -18.14 4.32 2.64
C ALA A 62 -17.22 4.92 3.71
N ARG A 63 -17.79 5.69 4.63
CA ARG A 63 -16.99 6.26 5.72
C ARG A 63 -16.27 5.16 6.55
N LYS A 64 -16.95 4.04 6.81
CA LYS A 64 -16.36 2.90 7.51
C LYS A 64 -15.06 2.37 6.87
N THR A 65 -14.98 2.47 5.54
CA THR A 65 -13.82 2.01 4.79
C THR A 65 -12.63 2.90 5.07
N VAL A 66 -12.88 4.20 5.23
CA VAL A 66 -11.81 5.15 5.54
C VAL A 66 -11.35 4.93 6.98
N LEU A 67 -12.33 4.71 7.87
CA LEU A 67 -12.06 4.48 9.30
C LEU A 67 -11.12 3.26 9.42
N ASN A 68 -11.48 2.18 8.76
CA ASN A 68 -10.68 0.97 8.75
C ASN A 68 -9.29 1.17 8.21
N ALA A 69 -9.20 1.92 7.11
CA ALA A 69 -7.89 2.24 6.55
C ALA A 69 -6.97 2.94 7.55
N GLU A 70 -7.53 3.81 8.37
CA GLU A 70 -6.71 4.55 9.34
C GLU A 70 -6.27 3.64 10.50
N LYS A 71 -6.83 2.44 10.56
CA LYS A 71 -6.41 1.44 11.52
C LYS A 71 -5.40 0.46 10.88
N GLY A 72 -5.07 0.67 9.59
CA GLY A 72 -4.18 -0.22 8.85
C GLY A 72 -4.89 -1.38 8.15
N LYS A 73 -6.21 -1.34 8.07
CA LYS A 73 -6.99 -2.43 7.46
C LYS A 73 -7.61 -1.90 6.18
N VAL A 74 -6.93 -2.15 5.05
CA VAL A 74 -7.39 -1.63 3.78
C VAL A 74 -6.78 -2.41 2.58
N GLN A 75 -7.55 -2.51 1.50
N GLN A 75 -7.54 -2.51 1.50
CA GLN A 75 -7.09 -3.13 0.25
CA GLN A 75 -7.07 -3.10 0.25
C GLN A 75 -6.30 -2.04 -0.48
C GLN A 75 -6.25 -2.02 -0.44
N LEU A 76 -5.27 -2.43 -1.23
CA LEU A 76 -4.39 -1.48 -1.95
C LEU A 76 -5.13 -0.49 -2.86
N ASP A 77 -6.04 -0.95 -3.72
CA ASP A 77 -6.72 0.01 -4.63
C ASP A 77 -7.53 1.05 -3.84
N ILE A 78 -8.14 0.61 -2.75
CA ILE A 78 -8.93 1.49 -1.88
C ILE A 78 -8.02 2.51 -1.21
N MSE A 79 -6.86 2.06 -0.72
N MSE A 79 -6.85 2.07 -0.74
CA MSE A 79 -5.89 2.94 -0.08
CA MSE A 79 -5.92 2.97 -0.10
C MSE A 79 -5.39 4.01 -1.06
C MSE A 79 -5.45 4.02 -1.08
O MSE A 79 -5.20 5.16 -0.68
O MSE A 79 -5.36 5.21 -0.73
CB MSE A 79 -4.71 2.15 0.52
CB MSE A 79 -4.70 2.20 0.43
CG MSE A 79 -3.50 3.01 0.90
CG MSE A 79 -3.71 3.04 1.20
SE MSE A 79 -2.13 2.13 2.06
SE MSE A 79 -4.50 4.14 2.59
CE MSE A 79 -3.09 2.25 3.74
CE MSE A 79 -3.39 3.59 4.10
N ILE A 80 -5.19 3.61 -2.32
CA ILE A 80 -4.75 4.55 -3.35
C ILE A 80 -5.87 5.58 -3.62
N ALA A 81 -7.13 5.13 -3.61
CA ALA A 81 -8.26 6.05 -3.86
C ALA A 81 -8.35 7.09 -2.73
N ILE A 82 -8.10 6.65 -1.51
CA ILE A 82 -8.06 7.54 -0.35
C ILE A 82 -6.93 8.54 -0.51
N LEU A 83 -5.75 8.07 -0.86
CA LEU A 83 -4.60 8.96 -1.09
C LEU A 83 -4.86 10.00 -2.23
N MSE A 84 -5.55 9.57 -3.28
N MSE A 84 -5.55 9.58 -3.28
CA MSE A 84 -5.88 10.48 -4.38
CA MSE A 84 -5.89 10.53 -4.36
C MSE A 84 -6.82 11.59 -3.87
C MSE A 84 -6.77 11.62 -3.81
O MSE A 84 -6.71 12.72 -4.30
O MSE A 84 -6.59 12.79 -4.13
CB MSE A 84 -6.54 9.71 -5.53
CB MSE A 84 -6.62 9.84 -5.51
CG MSE A 84 -5.61 8.74 -6.20
CG MSE A 84 -5.73 9.05 -6.39
SE MSE A 84 -6.52 7.61 -7.46
SE MSE A 84 -6.60 8.58 -8.04
CE MSE A 84 -7.31 9.03 -8.54
CE MSE A 84 -5.07 7.69 -8.85
N ALA A 85 -7.73 11.24 -2.96
CA ALA A 85 -8.63 12.20 -2.34
C ALA A 85 -7.87 13.25 -1.50
N LEU A 86 -6.71 12.88 -0.96
CA LEU A 86 -5.87 13.80 -0.20
C LEU A 86 -4.78 14.48 -1.05
N ASP A 87 -4.78 14.22 -2.36
CA ASP A 87 -3.78 14.74 -3.29
C ASP A 87 -2.42 14.28 -2.79
N LEU A 88 -2.33 13.00 -2.46
CA LEU A 88 -1.12 12.44 -1.91
C LEU A 88 -0.73 11.16 -2.66
N THR A 89 -0.68 11.23 -3.99
CA THR A 89 -0.26 10.07 -4.80
C THR A 89 0.95 10.36 -5.67
N GLU A 90 1.45 11.59 -5.68
CA GLU A 90 2.63 11.90 -6.51
C GLU A 90 3.88 11.14 -6.05
N GLN A 91 3.96 10.82 -4.76
CA GLN A 91 5.15 10.12 -4.25
C GLN A 91 5.19 8.67 -4.69
N ILE A 92 4.03 8.13 -5.06
N ILE A 92 4.03 8.12 -5.05
CA ILE A 92 3.94 6.73 -5.45
CA ILE A 92 3.96 6.72 -5.43
C ILE A 92 4.84 6.37 -6.64
C ILE A 92 4.80 6.35 -6.67
N ASP A 93 5.19 7.34 -7.48
CA ASP A 93 6.08 7.11 -8.62
C ASP A 93 7.45 6.61 -8.11
N LEU A 94 7.78 7.00 -6.87
CA LEU A 94 9.03 6.67 -6.22
C LEU A 94 8.99 5.36 -5.42
N PHE A 95 7.83 4.68 -5.38
CA PHE A 95 7.67 3.44 -4.62
C PHE A 95 8.03 2.22 -5.47
N ILE A 96 9.08 1.52 -5.03
CA ILE A 96 9.66 0.37 -5.76
C ILE A 96 9.61 0.52 -7.30
N PRO A 97 10.09 1.66 -7.82
N PRO A 97 10.24 1.57 -7.85
CA PRO A 97 9.94 1.91 -9.25
CA PRO A 97 10.28 1.69 -9.31
C PRO A 97 10.90 1.15 -10.15
C PRO A 97 11.01 0.50 -9.94
N LYS A 98 10.67 1.23 -11.45
N LYS A 98 10.53 0.04 -11.09
CA LYS A 98 11.56 0.59 -12.39
CA LYS A 98 11.16 -1.09 -11.79
C LYS A 98 10.92 0.59 -13.77
C LYS A 98 11.95 -0.66 -13.01
N LYS B 26 -0.03 13.21 -13.88
CA LYS B 26 -0.24 11.77 -13.53
C LYS B 26 -1.73 11.47 -13.45
N HIS B 27 -2.38 11.32 -14.60
CA HIS B 27 -3.81 11.08 -14.64
C HIS B 27 -4.13 9.61 -14.80
N VAL B 28 -4.27 8.91 -13.68
CA VAL B 28 -4.54 7.46 -13.66
C VAL B 28 -5.57 7.08 -12.58
N THR B 29 -6.24 5.96 -12.76
CA THR B 29 -7.21 5.49 -11.78
C THR B 29 -6.49 4.76 -10.62
N ALA B 30 -7.20 4.61 -9.51
CA ALA B 30 -6.70 3.89 -8.35
C ALA B 30 -6.46 2.42 -8.74
N ALA B 31 -7.40 1.83 -9.50
CA ALA B 31 -7.26 0.42 -9.94
C ALA B 31 -6.02 0.23 -10.82
N ALA B 32 -5.78 1.15 -11.76
CA ALA B 32 -4.63 1.07 -12.63
C ALA B 32 -3.33 1.20 -11.84
N LEU B 33 -3.31 2.13 -10.89
CA LEU B 33 -2.15 2.31 -10.08
C LEU B 33 -1.86 1.06 -9.20
N ALA B 34 -2.90 0.41 -8.68
CA ALA B 34 -2.70 -0.79 -7.87
C ALA B 34 -2.06 -1.89 -8.74
N GLU B 35 -2.51 -1.99 -10.00
CA GLU B 35 -1.97 -2.97 -10.92
C GLU B 35 -0.48 -2.68 -11.25
N GLU B 36 -0.15 -1.39 -11.37
N GLU B 36 -0.15 -1.40 -11.39
CA GLU B 36 1.21 -0.96 -11.65
CA GLU B 36 1.23 -0.98 -11.63
C GLU B 36 2.12 -1.35 -10.46
C GLU B 36 2.11 -1.39 -10.45
N ILE B 37 1.59 -1.19 -9.24
CA ILE B 37 2.32 -1.58 -8.02
C ILE B 37 2.51 -3.09 -8.01
N GLY B 38 1.48 -3.83 -8.43
CA GLY B 38 1.61 -5.29 -8.55
C GLY B 38 2.78 -5.67 -9.45
N ASP B 39 2.88 -5.02 -10.60
CA ASP B 39 3.94 -5.29 -11.56
C ASP B 39 5.32 -4.92 -10.99
N ARG B 40 5.37 -3.88 -10.18
CA ARG B 40 6.64 -3.46 -9.51
C ARG B 40 7.05 -4.50 -8.48
N LEU B 41 6.07 -5.08 -7.79
CA LEU B 41 6.35 -6.12 -6.79
C LEU B 41 6.92 -7.34 -7.53
N LYS B 42 6.29 -7.70 -8.65
CA LYS B 42 6.77 -8.81 -9.49
C LYS B 42 8.23 -8.59 -9.95
N GLN B 43 8.53 -7.42 -10.49
N GLN B 43 8.54 -7.41 -10.47
CA GLN B 43 9.91 -7.17 -10.99
CA GLN B 43 9.90 -7.11 -10.97
C GLN B 43 10.95 -7.06 -9.85
C GLN B 43 10.94 -7.08 -9.85
N ALA B 44 10.53 -6.59 -8.68
CA ALA B 44 11.44 -6.55 -7.51
C ALA B 44 11.79 -8.00 -7.12
N ARG B 45 10.78 -8.88 -7.14
CA ARG B 45 10.98 -10.30 -6.84
C ARG B 45 11.92 -11.00 -7.84
N LEU B 46 11.71 -10.72 -9.13
CA LEU B 46 12.50 -11.30 -10.21
C LEU B 46 13.95 -10.81 -10.16
N ASN B 47 14.14 -9.54 -9.82
CA ASN B 47 15.47 -8.96 -9.67
C ASN B 47 16.25 -9.61 -8.52
N ARG B 48 15.54 -10.24 -7.59
CA ARG B 48 16.17 -10.93 -6.45
C ARG B 48 16.28 -12.45 -6.68
N ASP B 49 15.87 -12.88 -7.87
CA ASP B 49 15.87 -14.30 -8.26
C ASP B 49 15.00 -15.17 -7.39
N LEU B 50 13.85 -14.63 -7.00
CA LEU B 50 12.92 -15.36 -6.14
C LEU B 50 11.69 -15.80 -6.91
N THR B 51 11.13 -16.94 -6.53
CA THR B 51 9.86 -17.38 -7.12
C THR B 51 8.70 -16.88 -6.22
N GLN B 52 7.46 -16.98 -6.72
CA GLN B 52 6.28 -16.61 -5.92
C GLN B 52 6.19 -17.55 -4.71
N SER B 53 6.47 -18.84 -4.93
N SER B 53 6.47 -18.83 -4.93
CA SER B 53 6.46 -19.83 -3.86
CA SER B 53 6.45 -19.83 -3.86
C SER B 53 7.46 -19.49 -2.78
C SER B 53 7.48 -19.52 -2.78
N GLU B 54 8.67 -19.06 -3.19
CA GLU B 54 9.74 -18.70 -2.23
C GLU B 54 9.40 -17.43 -1.39
N VAL B 55 8.76 -16.44 -2.02
CA VAL B 55 8.32 -15.24 -1.29
C VAL B 55 7.27 -15.64 -0.25
N ALA B 56 6.30 -16.45 -0.68
CA ALA B 56 5.25 -16.93 0.22
C ALA B 56 5.88 -17.63 1.41
N GLU B 57 6.81 -18.55 1.15
CA GLU B 57 7.52 -19.27 2.21
C GLU B 57 8.18 -18.36 3.23
N ILE B 58 8.95 -17.40 2.74
CA ILE B 58 9.67 -16.44 3.60
C ILE B 58 8.69 -15.62 4.44
N ALA B 59 7.60 -15.18 3.83
CA ALA B 59 6.62 -14.36 4.50
C ALA B 59 5.63 -15.17 5.33
N GLY B 60 5.59 -16.48 5.14
CA GLY B 60 4.69 -17.34 5.89
C GLY B 60 3.23 -17.18 5.48
N ILE B 61 3.01 -16.97 4.18
CA ILE B 61 1.68 -16.82 3.61
C ILE B 61 1.49 -17.79 2.44
N ALA B 62 0.28 -17.81 1.89
CA ALA B 62 -0.04 -18.68 0.77
C ALA B 62 0.55 -18.17 -0.54
N ARG B 63 0.89 -19.11 -1.40
CA ARG B 63 1.39 -18.78 -2.73
C ARG B 63 0.37 -17.93 -3.49
N LYS B 64 -0.91 -18.31 -3.41
CA LYS B 64 -1.94 -17.59 -4.15
C LYS B 64 -2.02 -16.13 -3.69
N THR B 65 -1.68 -15.88 -2.43
CA THR B 65 -1.75 -14.51 -1.89
C THR B 65 -0.71 -13.64 -2.58
N VAL B 66 0.46 -14.23 -2.86
CA VAL B 66 1.52 -13.50 -3.55
C VAL B 66 1.14 -13.29 -5.02
N LEU B 67 0.58 -14.33 -5.63
CA LEU B 67 0.15 -14.27 -7.03
C LEU B 67 -0.86 -13.14 -7.23
N ASN B 68 -1.87 -13.07 -6.34
CA ASN B 68 -2.85 -12.01 -6.38
C ASN B 68 -2.27 -10.63 -6.14
N ALA B 69 -1.28 -10.51 -5.25
CA ALA B 69 -0.64 -9.24 -4.96
C ALA B 69 0.07 -8.67 -6.19
N GLU B 70 0.68 -9.55 -6.98
CA GLU B 70 1.39 -9.11 -8.17
C GLU B 70 0.42 -8.68 -9.30
N LYS B 71 -0.88 -8.93 -9.10
CA LYS B 71 -1.92 -8.42 -9.98
C LYS B 71 -2.57 -7.14 -9.38
N GLY B 72 -2.06 -6.70 -8.22
CA GLY B 72 -2.56 -5.47 -7.54
C GLY B 72 -3.68 -5.74 -6.53
N LYS B 73 -3.94 -7.00 -6.23
CA LYS B 73 -5.03 -7.39 -5.33
C LYS B 73 -4.39 -7.83 -4.03
N VAL B 74 -4.35 -6.92 -3.06
CA VAL B 74 -3.62 -7.22 -1.84
C VAL B 74 -4.02 -6.24 -0.73
N GLN B 75 -4.01 -6.74 0.52
N GLN B 75 -4.00 -6.75 0.51
CA GLN B 75 -4.26 -5.94 1.71
CA GLN B 75 -4.26 -5.98 1.72
C GLN B 75 -2.96 -5.28 2.10
C GLN B 75 -2.96 -5.30 2.13
N LEU B 76 -3.04 -4.13 2.77
CA LEU B 76 -1.84 -3.40 3.21
C LEU B 76 -0.85 -4.25 4.06
N ASP B 77 -1.35 -4.98 5.04
CA ASP B 77 -0.45 -5.74 5.90
C ASP B 77 0.29 -6.84 5.10
N ILE B 78 -0.40 -7.42 4.13
CA ILE B 78 0.17 -8.48 3.29
C ILE B 78 1.20 -7.90 2.34
N MSE B 79 0.95 -6.71 1.79
CA MSE B 79 1.92 -6.03 0.94
C MSE B 79 3.21 -5.76 1.74
O MSE B 79 4.30 -5.99 1.23
CB MSE B 79 1.37 -4.72 0.35
CG MSE B 79 2.33 -4.11 -0.68
SE MSE B 79 1.67 -2.47 -1.52
CE MSE B 79 1.83 -1.27 0.02
N ILE B 80 3.06 -5.32 2.99
CA ILE B 80 4.20 -5.05 3.88
C ILE B 80 5.01 -6.33 4.16
N ALA B 81 4.32 -7.43 4.44
CA ALA B 81 4.97 -8.73 4.63
C ALA B 81 5.78 -9.13 3.40
N ILE B 82 5.23 -8.88 2.20
CA ILE B 82 5.93 -9.17 0.93
C ILE B 82 7.16 -8.29 0.80
N LEU B 83 7.03 -7.00 1.10
CA LEU B 83 8.18 -6.09 1.10
C LEU B 83 9.28 -6.55 2.09
N MSE B 84 8.87 -7.02 3.26
N MSE B 84 8.88 -7.03 3.26
CA MSE B 84 9.81 -7.52 4.27
CA MSE B 84 9.82 -7.55 4.26
C MSE B 84 10.56 -8.76 3.74
C MSE B 84 10.57 -8.75 3.70
O MSE B 84 11.76 -8.90 3.94
O MSE B 84 11.79 -8.85 3.84
CB MSE B 84 9.05 -7.86 5.56
CB MSE B 84 9.10 -8.00 5.54
CG MSE B 84 8.47 -6.64 6.29
CG MSE B 84 8.60 -6.88 6.42
SE MSE B 84 7.29 -7.12 7.76
SE MSE B 84 7.87 -7.56 8.10
CE MSE B 84 8.55 -8.14 8.83
CE MSE B 84 7.46 -5.82 8.89
N ALA B 85 9.84 -9.66 3.06
CA ALA B 85 10.44 -10.85 2.44
C ALA B 85 11.47 -10.47 1.36
N LEU B 86 11.27 -9.36 0.66
CA LEU B 86 12.19 -8.88 -0.36
C LEU B 86 13.27 -7.91 0.21
N ASP B 87 13.27 -7.70 1.52
CA ASP B 87 14.19 -6.77 2.19
C ASP B 87 14.00 -5.36 1.57
N LEU B 88 12.74 -4.96 1.44
CA LEU B 88 12.36 -3.65 0.88
C LEU B 88 11.39 -2.91 1.83
N THR B 89 11.37 -3.29 3.10
CA THR B 89 10.43 -2.72 4.08
C THR B 89 10.43 -1.18 4.10
N GLU B 90 11.61 -0.55 4.05
CA GLU B 90 11.71 0.93 4.08
C GLU B 90 11.02 1.65 2.91
N GLN B 91 10.85 0.93 1.79
CA GLN B 91 10.13 1.48 0.66
C GLN B 91 8.71 1.91 1.04
N ILE B 92 8.15 1.37 2.13
CA ILE B 92 6.78 1.74 2.53
C ILE B 92 6.72 3.25 2.82
N ASP B 93 7.86 3.83 3.20
CA ASP B 93 7.94 5.28 3.46
C ASP B 93 7.79 6.14 2.19
N LEU B 94 7.88 5.50 1.02
CA LEU B 94 7.62 6.16 -0.27
C LEU B 94 6.14 5.89 -0.72
N PHE B 95 5.43 5.03 0.00
N PHE B 95 5.44 5.03 0.00
CA PHE B 95 4.01 4.79 -0.28
CA PHE B 95 4.01 4.76 -0.25
C PHE B 95 3.21 5.84 0.52
C PHE B 95 3.23 5.84 0.51
N ILE B 96 3.49 5.95 1.82
CA ILE B 96 2.92 7.02 2.64
C ILE B 96 4.04 7.54 3.55
N PRO B 97 4.60 8.72 3.23
CA PRO B 97 5.66 9.23 4.10
C PRO B 97 5.21 9.61 5.52
N LYS B 98 6.18 9.69 6.42
CA LYS B 98 5.91 10.13 7.76
C LYS B 98 5.31 11.52 7.61
N GLN B 99 4.40 11.89 8.51
CA GLN B 99 3.74 13.19 8.46
C GLN B 99 4.01 13.97 9.75
N GLU B 100 4.19 15.29 9.62
CA GLU B 100 4.35 16.13 10.80
C GLU B 100 2.96 16.52 11.30
N ILE B 101 2.88 17.13 12.47
CA ILE B 101 1.58 17.58 12.98
C ILE B 101 1.19 18.92 12.32
#